data_2V5N
#
_entry.id   2V5N
#
_cell.length_a   64.793
_cell.length_b   64.793
_cell.length_c   269.569
_cell.angle_alpha   90.00
_cell.angle_beta   90.00
_cell.angle_gamma   120.00
#
_symmetry.space_group_name_H-M   'P 61 2 2'
#
loop_
_entity.id
_entity.type
_entity.pdbx_description
1 polymer 'CATION-INDEPENDENT MANNOSE-6-PHOSPHATE RECEPTOR'
2 non-polymer 2-acetamido-2-deoxy-beta-D-glucopyranose
#
_entity_poly.entity_id   1
_entity_poly.type   'polypeptide(L)'
_entity_poly.pdbx_seq_one_letter_code
;(MSE)KSNEHDDCQVTNPSTGHLFDLSSLSGRAGFTAAYSEKGLVY(MSE)SICGENENCPPGVGACFGQTRISVGKANK
RLRYVDQVLQLVYKDGSPCPSKSGLSYKSVISFVCRPEAGPTNRP(MSE)LISLDKQTCTLFFSWHTPLACEQATECSVR
NGSSIVDLSPLIHRTGGYEAYDESEDDASDTNPDFYINICQPLNP(MSE)HAVPCPAGAAVCKVPIDGPPIDIGRVAGPP
ILNPIANEIYLNFESSTPCLADKHFNYTSLIAFHCKRGVS(MSE)GTPKLLRTSECDFVFEWETPVVCPDEVKHHHHHH
;
_entity_poly.pdbx_strand_id   A
#
# COMPACT_ATOMS: atom_id res chain seq x y z
N CYS A 9 15.41 -12.34 -10.49
CA CYS A 9 14.47 -11.72 -9.51
C CYS A 9 14.24 -10.24 -9.83
N GLN A 10 13.89 -9.97 -11.08
CA GLN A 10 13.70 -8.61 -11.58
C GLN A 10 12.49 -8.52 -12.52
N VAL A 11 11.83 -7.36 -12.55
CA VAL A 11 10.69 -7.14 -13.43
C VAL A 11 10.65 -5.72 -13.96
N THR A 12 9.97 -5.53 -15.09
CA THR A 12 9.92 -4.25 -15.78
C THR A 12 8.52 -3.60 -15.79
N ASN A 13 8.47 -2.28 -15.68
CA ASN A 13 7.24 -1.53 -15.90
C ASN A 13 7.01 -1.32 -17.40
N PRO A 14 6.01 -2.02 -17.97
CA PRO A 14 5.77 -2.06 -19.42
C PRO A 14 5.41 -0.69 -20.04
N SER A 15 5.18 0.31 -19.20
CA SER A 15 4.73 1.62 -19.67
C SER A 15 5.88 2.58 -19.96
N THR A 16 6.70 2.83 -18.94
CA THR A 16 7.79 3.81 -19.05
C THR A 16 9.15 3.15 -19.30
N GLY A 17 9.15 1.83 -19.42
CA GLY A 17 10.38 1.08 -19.66
C GLY A 17 11.34 1.11 -18.49
N HIS A 18 10.79 1.06 -17.29
CA HIS A 18 11.61 1.12 -16.08
C HIS A 18 11.80 -0.27 -15.47
N LEU A 19 13.05 -0.71 -15.41
CA LEU A 19 13.41 -1.98 -14.81
C LEU A 19 13.53 -1.86 -13.29
N PHE A 20 12.86 -2.77 -12.58
CA PHE A 20 13.01 -2.90 -11.15
C PHE A 20 13.85 -4.14 -10.86
N ASP A 21 14.75 -4.04 -9.90
CA ASP A 21 15.59 -5.18 -9.54
C ASP A 21 15.53 -5.50 -8.04
N LEU A 22 15.01 -6.69 -7.75
CA LEU A 22 14.88 -7.16 -6.38
C LEU A 22 15.89 -8.25 -6.05
N SER A 23 16.75 -8.60 -7.02
CA SER A 23 17.80 -9.58 -6.81
C SER A 23 18.77 -9.11 -5.71
N SER A 24 18.68 -7.83 -5.41
CA SER A 24 19.35 -7.24 -4.25
C SER A 24 18.94 -7.95 -2.95
N LEU A 25 17.73 -8.48 -2.92
CA LEU A 25 17.17 -9.11 -1.72
C LEU A 25 17.21 -10.64 -1.77
N SER A 26 17.68 -11.18 -2.89
CA SER A 26 17.64 -12.62 -3.12
C SER A 26 18.55 -13.37 -2.15
N GLY A 27 18.36 -14.68 -2.08
CA GLY A 27 19.23 -15.53 -1.25
C GLY A 27 18.54 -16.37 -0.21
N ARG A 28 19.13 -17.52 0.08
CA ARG A 28 18.58 -18.49 1.05
C ARG A 28 18.58 -17.97 2.48
N ALA A 29 19.53 -17.09 2.79
CA ALA A 29 19.62 -16.48 4.14
C ALA A 29 18.33 -15.72 4.50
N GLY A 30 17.85 -14.90 3.57
CA GLY A 30 16.50 -14.33 3.63
C GLY A 30 16.19 -13.43 4.80
N PHE A 31 14.89 -13.20 5.01
CA PHE A 31 14.39 -12.26 6.04
C PHE A 31 13.27 -12.87 6.87
N THR A 32 12.81 -12.11 7.86
CA THR A 32 11.73 -12.54 8.74
C THR A 32 10.65 -11.47 8.84
N ALA A 33 9.40 -11.91 8.93
CA ALA A 33 8.26 -11.02 9.15
C ALA A 33 7.54 -11.42 10.45
N ALA A 34 7.34 -10.46 11.34
CA ALA A 34 6.82 -10.74 12.68
C ALA A 34 5.31 -10.86 12.75
N TYR A 35 4.83 -11.88 13.44
CA TYR A 35 3.41 -12.03 13.78
C TYR A 35 3.17 -11.84 15.30
N SER A 36 4.25 -11.70 16.05
CA SER A 36 4.21 -11.37 17.49
C SER A 36 5.56 -10.80 17.94
N GLU A 37 5.62 -10.35 19.19
CA GLU A 37 6.82 -9.74 19.78
C GLU A 37 8.10 -10.57 19.61
N LYS A 38 7.97 -11.87 19.41
CA LYS A 38 9.10 -12.78 19.22
C LYS A 38 8.84 -13.81 18.10
N GLY A 39 7.58 -14.01 17.73
CA GLY A 39 7.20 -14.99 16.71
C GLY A 39 7.33 -14.43 15.30
N LEU A 40 8.00 -15.18 14.43
CA LEU A 40 8.40 -14.70 13.10
C LEU A 40 7.94 -15.61 11.97
N VAL A 41 7.70 -15.01 10.81
CA VAL A 41 7.57 -15.76 9.56
C VAL A 41 8.92 -15.66 8.87
N TYR A 42 9.41 -16.77 8.32
CA TYR A 42 10.68 -16.78 7.60
C TYR A 42 10.40 -16.79 6.11
N SER A 44 12.26 -15.87 1.91
CA SER A 44 13.23 -15.36 0.97
C SER A 44 12.53 -14.79 -0.26
N ILE A 45 13.23 -13.95 -1.01
CA ILE A 45 12.66 -13.28 -2.16
C ILE A 45 13.29 -13.86 -3.43
N CYS A 46 12.50 -14.66 -4.16
CA CYS A 46 12.98 -15.54 -5.24
C CYS A 46 13.95 -16.58 -4.68
N GLY A 47 13.52 -17.83 -4.69
CA GLY A 47 14.34 -18.90 -4.13
C GLY A 47 13.93 -19.25 -2.72
N GLU A 48 14.24 -20.46 -2.30
CA GLU A 48 13.77 -20.99 -1.02
C GLU A 48 14.53 -20.39 0.16
N ASN A 49 13.97 -20.60 1.36
CA ASN A 49 14.60 -20.16 2.59
C ASN A 49 15.25 -21.32 3.33
N GLU A 50 16.47 -21.10 3.82
CA GLU A 50 17.24 -22.09 4.57
C GLU A 50 16.50 -22.60 5.81
N ASN A 51 15.61 -21.76 6.36
CA ASN A 51 14.88 -22.06 7.59
C ASN A 51 13.54 -22.74 7.34
N CYS A 52 13.37 -23.30 6.14
CA CYS A 52 12.11 -23.92 5.71
C CYS A 52 12.38 -25.30 5.09
N PRO A 53 11.32 -26.07 4.78
CA PRO A 53 11.53 -27.26 3.94
C PRO A 53 11.98 -26.87 2.53
N PRO A 54 12.63 -27.81 1.80
CA PRO A 54 13.04 -27.59 0.40
C PRO A 54 11.87 -27.14 -0.51
N GLY A 55 12.15 -26.19 -1.37
CA GLY A 55 11.14 -25.59 -2.23
C GLY A 55 10.45 -24.42 -1.55
N VAL A 56 10.10 -24.62 -0.28
CA VAL A 56 9.31 -23.66 0.50
C VAL A 56 10.06 -22.35 0.73
N GLY A 57 9.51 -21.27 0.19
CA GLY A 57 10.14 -19.95 0.25
C GLY A 57 9.70 -19.09 1.41
N ALA A 58 8.59 -19.47 2.03
CA ALA A 58 8.10 -18.81 3.24
C ALA A 58 7.46 -19.85 4.15
N CYS A 59 7.81 -19.79 5.43
CA CYS A 59 7.29 -20.72 6.43
C CYS A 59 7.32 -20.08 7.81
N PHE A 60 6.63 -20.70 8.75
CA PHE A 60 6.65 -20.24 10.14
C PHE A 60 6.38 -21.36 11.15
N GLY A 61 6.52 -21.03 12.43
CA GLY A 61 6.13 -21.94 13.52
C GLY A 61 7.15 -23.03 13.79
N GLN A 62 7.06 -23.58 15.00
CA GLN A 62 7.98 -24.60 15.51
C GLN A 62 8.15 -25.77 14.56
N THR A 63 7.18 -25.96 13.67
CA THR A 63 7.18 -27.08 12.74
C THR A 63 7.10 -26.65 11.27
N ARG A 64 7.71 -25.51 10.98
CA ARG A 64 8.00 -25.04 9.62
C ARG A 64 6.84 -25.10 8.61
N ILE A 65 5.61 -24.94 9.11
CA ILE A 65 4.39 -24.95 8.28
C ILE A 65 4.60 -24.10 7.03
N SER A 66 4.52 -24.76 5.88
CA SER A 66 4.75 -24.14 4.58
C SER A 66 3.62 -23.18 4.24
N VAL A 67 3.98 -21.95 3.85
CA VAL A 67 3.00 -20.99 3.35
C VAL A 67 3.29 -20.60 1.91
N GLY A 68 3.85 -21.55 1.16
CA GLY A 68 4.08 -21.39 -0.26
C GLY A 68 5.44 -21.90 -0.70
N LYS A 69 5.46 -22.57 -1.85
CA LYS A 69 6.71 -22.97 -2.48
C LYS A 69 7.25 -21.79 -3.27
N ALA A 70 8.55 -21.54 -3.13
CA ALA A 70 9.22 -20.40 -3.76
C ALA A 70 9.16 -20.40 -5.28
N ASN A 71 9.06 -19.21 -5.85
CA ASN A 71 9.21 -18.99 -7.29
C ASN A 71 9.75 -17.59 -7.49
N LYS A 72 10.26 -17.33 -8.69
CA LYS A 72 10.86 -16.03 -8.98
C LYS A 72 10.09 -15.29 -10.08
N ARG A 73 8.77 -15.48 -10.09
CA ARG A 73 7.93 -14.99 -11.18
C ARG A 73 7.55 -13.51 -11.05
N LEU A 74 8.16 -12.83 -10.09
CA LEU A 74 7.97 -11.38 -9.83
C LEU A 74 7.10 -10.62 -10.83
N ARG A 75 5.87 -10.29 -10.42
CA ARG A 75 4.91 -9.59 -11.27
C ARG A 75 4.82 -8.09 -10.93
N TYR A 76 4.55 -7.28 -11.96
CA TYR A 76 4.27 -5.86 -11.80
C TYR A 76 2.76 -5.65 -11.86
N VAL A 77 2.19 -5.03 -10.84
CA VAL A 77 0.73 -4.81 -10.79
C VAL A 77 0.35 -3.50 -10.09
N ASP A 78 0.24 -2.43 -10.89
CA ASP A 78 -0.21 -1.09 -10.44
C ASP A 78 0.68 -0.43 -9.40
N GLN A 79 1.92 -0.14 -9.80
CA GLN A 79 2.94 0.47 -8.92
C GLN A 79 3.28 -0.40 -7.70
N VAL A 80 2.82 -1.65 -7.74
CA VAL A 80 3.12 -2.63 -6.70
C VAL A 80 3.74 -3.85 -7.37
N LEU A 81 4.94 -4.23 -6.94
CA LEU A 81 5.61 -5.43 -7.38
C LEU A 81 5.14 -6.58 -6.52
N GLN A 82 5.15 -7.80 -7.06
CA GLN A 82 4.47 -8.90 -6.39
C GLN A 82 4.98 -10.29 -6.74
N LEU A 83 5.09 -11.13 -5.70
CA LEU A 83 5.35 -12.56 -5.82
C LEU A 83 4.20 -13.32 -5.18
N VAL A 84 3.81 -14.44 -5.78
CA VAL A 84 2.80 -15.28 -5.16
C VAL A 84 3.38 -16.67 -4.93
N TYR A 85 3.86 -16.90 -3.70
CA TYR A 85 4.35 -18.21 -3.28
C TYR A 85 3.16 -19.10 -2.98
N LYS A 86 3.24 -20.34 -3.44
CA LYS A 86 2.07 -21.18 -3.62
C LYS A 86 2.24 -22.60 -3.08
N ASP A 87 1.13 -23.21 -2.67
CA ASP A 87 1.08 -24.61 -2.21
C ASP A 87 1.79 -24.88 -0.89
N GLY A 88 1.12 -24.52 0.21
CA GLY A 88 1.59 -24.85 1.54
C GLY A 88 0.83 -26.01 2.14
N SER A 89 0.78 -26.06 3.48
CA SER A 89 0.03 -27.07 4.23
C SER A 89 -1.46 -27.06 3.91
N PRO A 90 -2.18 -28.14 4.25
CA PRO A 90 -3.63 -28.15 4.02
C PRO A 90 -4.39 -27.08 4.81
N CYS A 91 -5.63 -26.85 4.41
CA CYS A 91 -6.49 -25.89 5.09
C CYS A 91 -7.60 -26.58 5.85
N PRO A 92 -7.84 -26.15 7.10
CA PRO A 92 -8.99 -26.61 7.87
C PRO A 92 -10.33 -26.05 7.35
N SER A 93 -10.29 -24.89 6.69
CA SER A 93 -11.50 -24.21 6.23
C SER A 93 -12.16 -24.93 5.03
N LYS A 94 -11.83 -24.47 3.82
CA LYS A 94 -12.19 -25.16 2.59
C LYS A 94 -11.22 -26.33 2.47
N SER A 95 -11.80 -27.53 2.35
CA SER A 95 -11.09 -28.82 2.39
C SER A 95 -9.79 -28.87 1.58
N GLY A 96 -9.92 -29.20 0.30
CA GLY A 96 -8.79 -29.25 -0.63
C GLY A 96 -8.24 -27.86 -0.90
N LEU A 97 -7.37 -27.41 0.00
CA LEU A 97 -6.75 -26.09 -0.10
C LEU A 97 -5.36 -26.03 0.55
N SER A 98 -4.59 -25.02 0.16
CA SER A 98 -3.24 -24.84 0.64
C SER A 98 -2.97 -23.40 1.02
N TYR A 99 -2.16 -23.22 2.08
CA TYR A 99 -1.66 -21.93 2.51
C TYR A 99 -0.79 -21.31 1.42
N LYS A 100 -1.01 -20.02 1.16
CA LYS A 100 -0.22 -19.29 0.16
C LYS A 100 0.07 -17.84 0.56
N SER A 101 1.11 -17.28 -0.03
CA SER A 101 1.58 -15.94 0.34
C SER A 101 1.61 -14.99 -0.85
N VAL A 102 1.12 -13.78 -0.64
CA VAL A 102 1.17 -12.74 -1.64
C VAL A 102 2.05 -11.61 -1.12
N ILE A 103 3.29 -11.59 -1.60
CA ILE A 103 4.29 -10.62 -1.17
C ILE A 103 4.25 -9.38 -2.08
N SER A 104 3.86 -8.24 -1.50
CA SER A 104 3.57 -7.05 -2.29
C SER A 104 4.53 -5.89 -1.99
N PHE A 105 5.49 -5.66 -2.90
CA PHE A 105 6.52 -4.65 -2.72
C PHE A 105 6.01 -3.25 -3.02
N VAL A 106 5.86 -2.44 -1.97
CA VAL A 106 5.25 -1.12 -2.10
C VAL A 106 6.29 0.00 -1.98
N CYS A 107 6.13 1.04 -2.79
CA CYS A 107 7.08 2.14 -2.85
C CYS A 107 7.10 3.02 -1.59
N ARG A 108 8.29 3.12 -0.99
CA ARG A 108 8.53 4.01 0.13
C ARG A 108 9.87 4.71 -0.13
N PRO A 109 9.82 5.93 -0.71
CA PRO A 109 11.03 6.62 -1.19
C PRO A 109 12.10 6.79 -0.12
N GLU A 110 11.68 6.96 1.13
CA GLU A 110 12.60 7.24 2.23
C GLU A 110 13.50 6.06 2.60
N ALA A 111 14.53 6.36 3.38
CA ALA A 111 15.33 5.35 4.07
C ALA A 111 14.37 4.43 4.85
N GLY A 112 13.79 4.97 5.92
CA GLY A 112 12.78 4.26 6.69
C GLY A 112 13.38 3.21 7.60
N PRO A 113 13.05 3.28 8.90
CA PRO A 113 13.69 2.46 9.93
C PRO A 113 13.43 0.96 9.76
N THR A 114 12.24 0.60 9.27
CA THR A 114 11.82 -0.81 9.19
C THR A 114 12.63 -1.62 8.16
N ASN A 115 12.38 -1.39 6.88
CA ASN A 115 13.06 -2.13 5.81
C ASN A 115 13.03 -3.65 6.04
N ARG A 116 11.82 -4.20 6.05
CA ARG A 116 11.59 -5.66 6.09
C ARG A 116 10.12 -5.97 5.75
N PRO A 117 9.81 -7.25 5.44
CA PRO A 117 8.42 -7.56 5.09
C PRO A 117 7.50 -7.54 6.30
N LEU A 119 3.41 -8.64 7.78
CA LEU A 119 2.15 -9.36 7.63
C LEU A 119 0.94 -8.46 7.86
N ILE A 120 0.24 -8.14 6.78
CA ILE A 120 -0.96 -7.30 6.87
C ILE A 120 -2.23 -8.09 7.18
N SER A 121 -2.40 -9.26 6.58
CA SER A 121 -3.63 -10.03 6.73
C SER A 121 -3.49 -11.51 6.41
N LEU A 122 -4.41 -12.32 6.96
CA LEU A 122 -4.62 -13.70 6.53
C LEU A 122 -6.08 -13.95 6.13
N ASP A 123 -6.29 -14.25 4.86
CA ASP A 123 -7.61 -14.65 4.36
C ASP A 123 -7.82 -16.10 4.78
N LYS A 124 -8.58 -16.28 5.86
CA LYS A 124 -8.68 -17.56 6.54
C LYS A 124 -9.24 -18.68 5.67
N GLN A 125 -10.37 -18.42 5.02
CA GLN A 125 -11.09 -19.44 4.24
C GLN A 125 -10.42 -19.81 2.92
N THR A 126 -9.57 -18.92 2.40
CA THR A 126 -8.79 -19.20 1.20
C THR A 126 -7.29 -19.38 1.50
N CYS A 127 -6.96 -19.35 2.79
CA CYS A 127 -5.60 -19.57 3.31
C CYS A 127 -4.50 -18.72 2.66
N THR A 128 -4.81 -17.45 2.45
CA THR A 128 -3.86 -16.55 1.84
C THR A 128 -3.27 -15.62 2.89
N LEU A 129 -1.94 -15.63 2.98
CA LEU A 129 -1.25 -14.64 3.79
C LEU A 129 -0.88 -13.50 2.87
N PHE A 130 -1.12 -12.27 3.33
CA PHE A 130 -0.74 -11.08 2.60
C PHE A 130 0.36 -10.36 3.36
N PHE A 131 1.55 -10.33 2.76
CA PHE A 131 2.67 -9.57 3.28
C PHE A 131 2.90 -8.35 2.41
N SER A 132 3.46 -7.31 3.00
CA SER A 132 3.85 -6.12 2.25
C SER A 132 5.24 -5.68 2.66
N TRP A 133 6.00 -5.21 1.69
CA TRP A 133 7.33 -4.70 1.94
C TRP A 133 7.43 -3.29 1.37
N HIS A 134 7.34 -2.31 2.25
CA HIS A 134 7.50 -0.92 1.84
C HIS A 134 8.99 -0.64 1.65
N THR A 135 9.36 -0.34 0.41
CA THR A 135 10.75 -0.27 0.00
C THR A 135 10.98 0.80 -1.07
N PRO A 136 12.17 1.44 -1.05
CA PRO A 136 12.59 2.31 -2.15
C PRO A 136 12.83 1.51 -3.43
N LEU A 137 13.11 0.21 -3.30
CA LEU A 137 13.32 -0.67 -4.45
C LEU A 137 12.06 -0.86 -5.32
N ALA A 138 10.94 -0.33 -4.86
CA ALA A 138 9.70 -0.39 -5.62
C ALA A 138 9.23 1.01 -6.04
N CYS A 139 10.16 1.97 -6.07
CA CYS A 139 9.84 3.34 -6.46
C CYS A 139 10.34 3.67 -7.85
N GLU A 140 9.68 4.62 -8.51
CA GLU A 140 10.06 5.07 -9.84
C GLU A 140 10.34 6.58 -9.83
N GLN A 141 9.29 7.38 -9.72
CA GLN A 141 9.43 8.84 -9.55
C GLN A 141 9.47 9.17 -8.07
N ALA A 142 10.11 10.28 -7.73
CA ALA A 142 10.17 10.72 -6.34
C ALA A 142 8.83 11.30 -5.92
N THR A 143 8.61 11.41 -4.61
CA THR A 143 7.38 11.97 -4.07
C THR A 143 7.09 13.38 -4.57
N GLU A 144 6.11 13.48 -5.46
CA GLU A 144 5.59 14.76 -5.94
C GLU A 144 4.57 15.26 -4.92
N CYS A 145 5.02 16.14 -4.03
CA CYS A 145 4.23 16.54 -2.86
C CYS A 145 4.19 18.05 -2.62
N SER A 146 4.81 18.80 -3.52
CA SER A 146 4.83 20.25 -3.42
C SER A 146 4.37 20.92 -4.70
N VAL A 147 3.88 22.14 -4.56
CA VAL A 147 3.45 22.96 -5.70
C VAL A 147 3.88 24.41 -5.47
N ARG A 148 4.01 25.17 -6.55
CA ARG A 148 4.39 26.57 -6.46
C ARG A 148 3.18 27.48 -6.48
N ASN A 149 3.20 28.48 -5.60
CA ASN A 149 2.14 29.46 -5.45
C ASN A 149 2.80 30.84 -5.35
N GLY A 150 2.98 31.48 -6.50
CA GLY A 150 3.71 32.74 -6.59
C GLY A 150 5.17 32.56 -6.20
N SER A 151 5.68 33.48 -5.38
CA SER A 151 7.05 33.44 -4.90
C SER A 151 7.31 32.29 -3.93
N SER A 152 6.25 31.84 -3.26
CA SER A 152 6.34 30.74 -2.31
C SER A 152 6.20 29.37 -2.97
N ILE A 153 6.51 28.33 -2.19
CA ILE A 153 6.41 26.94 -2.63
C ILE A 153 5.83 26.10 -1.48
N VAL A 154 4.56 25.69 -1.62
CA VAL A 154 3.87 24.98 -0.54
C VAL A 154 4.17 23.49 -0.55
N ASP A 155 4.89 23.05 0.49
CA ASP A 155 5.27 21.66 0.65
C ASP A 155 4.21 20.96 1.50
N LEU A 156 3.56 19.95 0.93
CA LEU A 156 2.57 19.17 1.67
C LEU A 156 3.19 17.98 2.40
N SER A 157 4.51 17.83 2.23
CA SER A 157 5.27 16.72 2.82
C SER A 157 5.11 16.57 4.35
N PRO A 158 5.11 17.68 5.11
CA PRO A 158 4.78 17.58 6.55
C PRO A 158 3.49 16.79 6.84
N LEU A 159 2.62 16.66 5.86
CA LEU A 159 1.39 15.89 6.03
C LEU A 159 1.53 14.43 5.58
N ILE A 160 2.60 14.10 4.84
CA ILE A 160 2.87 12.71 4.50
C ILE A 160 3.03 11.96 5.80
N HIS A 161 2.11 11.03 6.05
CA HIS A 161 2.15 10.19 7.23
C HIS A 161 3.18 9.09 7.02
N ARG A 162 4.21 9.05 7.85
CA ARG A 162 5.37 8.19 7.57
C ARG A 162 5.34 6.82 8.24
N THR A 163 4.54 6.69 9.30
CA THR A 163 4.44 5.42 10.01
C THR A 163 2.98 5.08 10.31
N GLY A 164 2.23 4.76 9.27
CA GLY A 164 0.79 4.46 9.40
C GLY A 164 -0.08 5.23 8.42
N GLY A 165 -1.17 5.80 8.92
CA GLY A 165 -2.11 6.57 8.09
C GLY A 165 -2.94 7.60 8.84
N TYR A 166 -3.93 8.19 8.15
CA TYR A 166 -4.87 9.14 8.76
C TYR A 166 -6.29 8.57 8.81
N GLU A 167 -7.05 8.97 9.84
CA GLU A 167 -8.45 8.61 9.97
C GLU A 167 -9.31 9.43 8.98
N ALA A 168 -10.50 9.86 9.41
CA ALA A 168 -11.36 10.73 8.60
C ALA A 168 -12.38 11.55 9.41
N TYR A 169 -12.13 11.69 10.71
CA TYR A 169 -13.08 12.36 11.64
C TYR A 169 -13.24 13.86 11.38
N ASN A 180 -21.58 3.59 9.74
CA ASN A 180 -20.41 4.43 9.96
C ASN A 180 -19.16 3.92 9.24
N PRO A 181 -19.15 3.95 7.89
CA PRO A 181 -18.03 3.36 7.14
C PRO A 181 -16.76 4.18 7.26
N ASP A 182 -15.69 3.54 7.71
CA ASP A 182 -14.43 4.23 7.98
C ASP A 182 -13.68 4.52 6.68
N PHE A 183 -12.87 5.57 6.71
CA PHE A 183 -11.98 5.92 5.60
C PHE A 183 -10.59 6.19 6.15
N TYR A 184 -9.60 5.58 5.54
CA TYR A 184 -8.22 5.85 5.90
C TYR A 184 -7.54 6.46 4.69
N ILE A 185 -6.70 7.46 4.94
CA ILE A 185 -6.09 8.23 3.85
C ILE A 185 -4.64 8.63 4.14
N ASN A 186 -3.84 8.66 3.08
CA ASN A 186 -2.47 9.16 3.11
C ASN A 186 -2.20 9.88 1.80
N ILE A 187 -1.31 10.88 1.83
CA ILE A 187 -1.00 11.71 0.67
C ILE A 187 0.41 11.49 0.12
N CYS A 188 0.54 11.59 -1.21
CA CYS A 188 1.85 11.52 -1.90
C CYS A 188 2.49 10.13 -1.86
N GLN A 189 2.10 9.34 -0.87
CA GLN A 189 2.60 7.99 -0.71
C GLN A 189 1.44 7.06 -0.39
N PRO A 190 1.58 5.76 -0.74
CA PRO A 190 0.65 4.75 -0.28
C PRO A 190 0.45 4.80 1.24
N LEU A 191 -0.61 4.14 1.70
CA LEU A 191 -0.80 3.93 3.12
C LEU A 191 0.25 2.96 3.63
N ASN A 192 0.79 3.23 4.82
CA ASN A 192 1.69 2.29 5.47
C ASN A 192 0.84 1.25 6.20
N PRO A 193 1.40 0.05 6.49
CA PRO A 193 0.62 -0.92 7.24
C PRO A 193 0.35 -0.45 8.66
N HIS A 195 -1.98 -1.28 12.58
CA HIS A 195 -2.71 -2.16 13.49
C HIS A 195 -4.09 -2.59 13.02
N ALA A 196 -4.22 -3.89 12.73
CA ALA A 196 -5.49 -4.54 12.37
C ALA A 196 -6.39 -3.73 11.42
N VAL A 197 -5.77 -3.09 10.43
CA VAL A 197 -6.50 -2.43 9.34
C VAL A 197 -5.91 -2.92 8.01
N PRO A 198 -6.45 -4.02 7.47
CA PRO A 198 -5.92 -4.62 6.25
C PRO A 198 -6.34 -3.87 4.99
N CYS A 199 -5.92 -2.61 4.87
CA CYS A 199 -6.11 -1.86 3.63
C CYS A 199 -5.18 -2.40 2.54
N PRO A 200 -5.69 -2.55 1.30
CA PRO A 200 -4.94 -3.09 0.16
C PRO A 200 -3.57 -2.46 -0.04
N ALA A 201 -2.64 -3.24 -0.56
CA ALA A 201 -1.26 -2.81 -0.77
C ALA A 201 -1.13 -1.88 -1.97
N GLY A 202 -0.65 -0.67 -1.72
CA GLY A 202 -0.44 0.35 -2.76
C GLY A 202 -1.40 1.52 -2.65
N ALA A 203 -2.57 1.26 -2.07
CA ALA A 203 -3.64 2.24 -1.95
C ALA A 203 -3.22 3.46 -1.12
N ALA A 204 -3.54 4.63 -1.65
CA ALA A 204 -3.33 5.88 -0.94
C ALA A 204 -4.58 6.29 -0.16
N VAL A 205 -5.75 5.92 -0.69
CA VAL A 205 -7.04 6.22 -0.07
C VAL A 205 -7.86 4.94 0.03
N CYS A 206 -8.24 4.57 1.25
CA CYS A 206 -8.85 3.27 1.51
C CYS A 206 -10.16 3.39 2.27
N LYS A 207 -11.24 2.93 1.62
CA LYS A 207 -12.54 2.80 2.28
C LYS A 207 -12.59 1.45 3.01
N VAL A 208 -13.12 1.46 4.23
CA VAL A 208 -13.33 0.24 5.01
C VAL A 208 -14.79 0.13 5.47
N PRO A 209 -15.55 -0.78 4.84
CA PRO A 209 -16.93 -1.06 5.25
C PRO A 209 -16.99 -2.21 6.26
N ILE A 210 -18.15 -2.43 6.88
CA ILE A 210 -18.31 -3.54 7.82
C ILE A 210 -18.77 -4.82 7.09
N ASP A 211 -18.06 -5.91 7.36
CA ASP A 211 -18.23 -7.21 6.68
C ASP A 211 -18.19 -7.17 5.13
N GLY A 212 -17.65 -6.09 4.60
CA GLY A 212 -17.15 -6.04 3.24
C GLY A 212 -15.66 -5.81 3.38
N PRO A 213 -14.85 -6.34 2.45
CA PRO A 213 -13.39 -6.14 2.52
C PRO A 213 -13.00 -4.67 2.30
N PRO A 214 -11.82 -4.27 2.81
CA PRO A 214 -11.29 -2.94 2.52
C PRO A 214 -11.13 -2.72 1.02
N ILE A 215 -11.59 -1.57 0.56
CA ILE A 215 -11.58 -1.20 -0.85
C ILE A 215 -10.52 -0.15 -1.11
N ASP A 216 -9.78 -0.31 -2.20
CA ASP A 216 -8.92 0.77 -2.67
C ASP A 216 -9.83 1.74 -3.41
N ILE A 217 -9.92 2.96 -2.88
CA ILE A 217 -10.69 4.02 -3.52
C ILE A 217 -9.76 5.17 -3.93
N GLY A 218 -8.54 4.83 -4.31
CA GLY A 218 -7.61 5.82 -4.84
C GLY A 218 -6.14 5.61 -4.56
N ARG A 219 -5.33 5.72 -5.60
CA ARG A 219 -3.88 5.67 -5.50
C ARG A 219 -3.27 7.03 -5.87
N VAL A 220 -2.00 7.22 -5.52
CA VAL A 220 -1.26 8.43 -5.85
C VAL A 220 -1.34 8.66 -7.35
N ALA A 221 -1.89 9.80 -7.76
CA ALA A 221 -2.16 10.09 -9.17
C ALA A 221 -1.22 11.14 -9.76
N GLY A 222 -0.63 11.95 -8.89
CA GLY A 222 0.35 12.93 -9.33
C GLY A 222 0.65 14.03 -8.31
N PRO A 223 1.25 15.13 -8.79
CA PRO A 223 1.63 16.26 -7.94
C PRO A 223 0.43 17.12 -7.57
N PRO A 224 0.40 17.68 -6.35
CA PRO A 224 -0.70 18.53 -5.91
C PRO A 224 -0.87 19.67 -6.87
N ILE A 225 -2.11 19.92 -7.29
CA ILE A 225 -2.38 20.95 -8.30
C ILE A 225 -3.06 22.18 -7.69
N LEU A 226 -2.63 23.35 -8.13
CA LEU A 226 -3.03 24.61 -7.52
C LEU A 226 -4.06 25.35 -8.36
N ASN A 227 -5.11 25.83 -7.70
CA ASN A 227 -6.14 26.66 -8.32
C ASN A 227 -6.17 28.06 -7.66
N PRO A 228 -5.56 29.05 -8.33
CA PRO A 228 -5.32 30.38 -7.72
C PRO A 228 -6.55 31.29 -7.67
N ILE A 229 -7.59 30.95 -8.42
CA ILE A 229 -8.82 31.75 -8.40
C ILE A 229 -9.66 31.39 -7.19
N ALA A 230 -9.84 30.09 -6.95
CA ALA A 230 -10.62 29.62 -5.80
C ALA A 230 -9.74 29.39 -4.58
N ASN A 231 -8.46 29.73 -4.70
CA ASN A 231 -7.51 29.72 -3.60
C ASN A 231 -7.40 28.36 -2.90
N GLU A 232 -7.35 27.29 -3.70
CA GLU A 232 -7.35 25.92 -3.19
C GLU A 232 -6.34 25.03 -3.89
N ILE A 233 -5.72 24.13 -3.11
CA ILE A 233 -4.77 23.15 -3.64
C ILE A 233 -5.44 21.78 -3.71
N TYR A 234 -5.33 21.14 -4.86
CA TYR A 234 -5.97 19.85 -5.08
C TYR A 234 -4.95 18.74 -5.22
N LEU A 235 -5.25 17.61 -4.57
CA LEU A 235 -4.57 16.35 -4.82
C LEU A 235 -5.57 15.35 -5.38
N ASN A 236 -5.21 14.69 -6.47
CA ASN A 236 -6.08 13.71 -7.11
C ASN A 236 -5.61 12.28 -6.89
N PHE A 237 -6.57 11.38 -6.70
CA PHE A 237 -6.29 9.95 -6.51
C PHE A 237 -7.17 9.08 -7.40
N GLU A 238 -6.59 8.03 -7.98
CA GLU A 238 -7.32 7.10 -8.84
C GLU A 238 -6.97 5.66 -8.49
N SER A 239 -7.99 4.84 -8.25
CA SER A 239 -7.77 3.43 -7.94
C SER A 239 -7.66 2.58 -9.20
N SER A 240 -7.01 1.43 -9.04
CA SER A 240 -6.94 0.43 -10.09
C SER A 240 -8.24 -0.37 -10.15
N THR A 241 -8.88 -0.54 -9.00
CA THR A 241 -10.09 -1.34 -8.88
C THR A 241 -11.32 -0.62 -9.47
N PRO A 242 -12.10 -1.31 -10.30
CA PRO A 242 -13.30 -0.75 -10.92
C PRO A 242 -14.45 -0.55 -9.93
N CYS A 243 -15.21 0.53 -10.15
CA CYS A 243 -16.35 0.93 -9.32
C CYS A 243 -17.48 -0.11 -9.29
N LEU A 244 -18.42 0.05 -8.34
CA LEU A 244 -19.53 -0.89 -8.20
C LEU A 244 -20.63 -0.66 -9.24
N ALA A 245 -21.28 0.50 -9.19
CA ALA A 245 -22.42 0.80 -10.06
C ALA A 245 -22.09 0.64 -11.55
N ASP A 246 -21.01 1.29 -11.99
CA ASP A 246 -20.52 1.17 -13.37
C ASP A 246 -19.14 0.58 -13.42
N LYS A 247 -18.98 -0.52 -14.14
CA LYS A 247 -17.74 -1.27 -14.18
C LYS A 247 -16.68 -0.58 -15.04
N HIS A 248 -17.06 0.48 -15.74
CA HIS A 248 -16.15 1.16 -16.65
C HIS A 248 -15.56 2.46 -16.11
N PHE A 249 -15.87 2.77 -14.86
CA PHE A 249 -15.20 3.86 -14.16
C PHE A 249 -14.49 3.27 -12.96
N ASN A 250 -13.37 3.89 -12.60
CA ASN A 250 -12.64 3.51 -11.40
C ASN A 250 -13.10 4.33 -10.19
N TYR A 251 -12.92 3.80 -8.99
CA TYR A 251 -13.11 4.58 -7.78
C TYR A 251 -12.08 5.70 -7.76
N THR A 252 -12.52 6.87 -7.31
CA THR A 252 -11.75 8.11 -7.48
C THR A 252 -11.69 8.87 -6.16
N SER A 253 -10.65 9.69 -5.97
CA SER A 253 -10.57 10.53 -4.78
C SER A 253 -10.00 11.92 -5.03
N LEU A 254 -10.47 12.88 -4.23
CA LEU A 254 -10.09 14.28 -4.35
C LEU A 254 -9.85 14.85 -2.97
N ILE A 255 -8.76 15.60 -2.81
CA ILE A 255 -8.54 16.35 -1.58
C ILE A 255 -8.41 17.84 -1.87
N ALA A 256 -9.29 18.62 -1.25
CA ALA A 256 -9.20 20.07 -1.31
C ALA A 256 -8.45 20.56 -0.09
N PHE A 257 -7.31 21.22 -0.33
CA PHE A 257 -6.51 21.77 0.76
C PHE A 257 -6.82 23.25 1.00
N HIS A 258 -7.04 23.59 2.27
CA HIS A 258 -7.39 24.95 2.67
C HIS A 258 -6.46 25.43 3.77
N CYS A 259 -5.87 26.61 3.57
CA CYS A 259 -5.06 27.24 4.60
C CYS A 259 -5.92 27.59 5.81
N LYS A 260 -5.49 27.18 7.00
CA LYS A 260 -6.17 27.53 8.24
C LYS A 260 -5.20 27.61 9.41
N ARG A 261 -4.86 28.83 9.81
CA ARG A 261 -4.01 29.06 10.97
C ARG A 261 -4.54 28.28 12.16
N GLY A 262 -3.67 27.46 12.76
CA GLY A 262 -4.08 26.61 13.88
C GLY A 262 -2.91 26.03 14.65
N VAL A 263 -3.16 25.66 15.91
CA VAL A 263 -2.16 25.09 16.82
C VAL A 263 -1.71 23.67 16.41
N SER A 264 -2.45 23.07 15.47
CA SER A 264 -2.13 21.76 14.91
C SER A 264 -2.71 21.64 13.50
N GLY A 266 -4.87 19.94 10.59
CA GLY A 266 -6.14 19.23 10.63
C GLY A 266 -6.04 17.78 10.20
N THR A 267 -7.14 17.05 10.34
CA THR A 267 -7.26 15.71 9.79
C THR A 267 -8.31 15.79 8.69
N PRO A 268 -8.07 15.11 7.54
CA PRO A 268 -8.96 15.24 6.38
C PRO A 268 -10.39 14.72 6.62
N LYS A 269 -11.33 15.65 6.70
CA LYS A 269 -12.75 15.32 6.80
C LYS A 269 -13.28 15.04 5.40
N LEU A 270 -14.26 14.14 5.32
CA LEU A 270 -14.89 13.82 4.04
C LEU A 270 -15.96 14.85 3.73
N LEU A 271 -16.00 15.31 2.49
CA LEU A 271 -17.02 16.26 2.03
C LEU A 271 -18.30 15.55 1.60
N ARG A 272 -18.27 14.93 0.42
CA ARG A 272 -19.44 14.24 -0.13
C ARG A 272 -19.04 13.09 -1.04
N THR A 273 -20.03 12.28 -1.45
CA THR A 273 -19.77 11.09 -2.28
C THR A 273 -20.80 10.90 -3.38
N SER A 274 -20.33 10.40 -4.53
CA SER A 274 -21.22 9.91 -5.58
C SER A 274 -21.08 8.39 -5.68
N GLU A 275 -21.62 7.81 -6.75
CA GLU A 275 -21.53 6.37 -6.98
C GLU A 275 -20.09 5.86 -6.98
N CYS A 276 -19.19 6.60 -7.63
CA CYS A 276 -17.79 6.16 -7.77
C CYS A 276 -16.78 7.16 -7.22
N ASP A 277 -17.18 8.43 -7.10
CA ASP A 277 -16.28 9.50 -6.70
C ASP A 277 -16.37 9.82 -5.21
N PHE A 278 -15.24 10.27 -4.66
CA PHE A 278 -15.11 10.63 -3.25
C PHE A 278 -14.37 11.96 -3.15
N VAL A 279 -14.93 12.90 -2.40
CA VAL A 279 -14.29 14.21 -2.23
C VAL A 279 -14.00 14.52 -0.75
N PHE A 280 -12.77 14.95 -0.47
CA PHE A 280 -12.33 15.25 0.89
C PHE A 280 -11.76 16.67 1.02
N GLU A 281 -12.05 17.31 2.15
CA GLU A 281 -11.43 18.59 2.49
C GLU A 281 -10.33 18.38 3.53
N TRP A 282 -9.28 19.18 3.43
CA TRP A 282 -8.24 19.20 4.45
C TRP A 282 -7.96 20.64 4.86
N GLU A 283 -8.25 20.94 6.12
CA GLU A 283 -7.94 22.23 6.71
C GLU A 283 -6.62 22.13 7.46
N THR A 284 -5.53 22.43 6.77
CA THR A 284 -4.19 22.40 7.36
C THR A 284 -3.49 23.75 7.33
N PRO A 285 -2.91 24.17 8.48
CA PRO A 285 -1.93 25.24 8.48
C PRO A 285 -0.63 24.79 7.82
N VAL A 286 -0.70 24.55 6.52
CA VAL A 286 0.45 24.09 5.73
C VAL A 286 0.40 24.71 4.34
N VAL A 287 -0.78 25.20 3.96
CA VAL A 287 -0.98 25.85 2.67
C VAL A 287 -1.00 27.37 2.83
N CYS A 288 -0.67 27.83 4.04
CA CYS A 288 -0.70 29.25 4.37
C CYS A 288 0.59 29.96 3.95
N PRO A 289 0.45 31.15 3.31
CA PRO A 289 1.62 31.98 3.00
C PRO A 289 2.39 32.38 4.25
N ASP A 290 1.80 32.73 5.27
#